data_6J83
#
_entry.id   6J83
#
_cell.length_a   39.787
_cell.length_b   84.761
_cell.length_c   113.074
_cell.angle_alpha   90.00
_cell.angle_beta   90.00
_cell.angle_gamma   90.00
#
_symmetry.space_group_name_H-M   'P 21 21 21'
#
loop_
_entity.id
_entity.type
_entity.pdbx_description
1 polymer 'Cytochrome P-450'
2 non-polymer 'PROTOPORPHYRIN IX CONTAINING FE'
3 non-polymer N-[(2S)-1-hydroxy-3-(1H-indol-3-yl)propan-2-yl]-N~2~-methyl-L-valinamide
4 water water
#
_entity_poly.entity_id   1
_entity_poly.type   'polypeptide(L)'
_entity_poly.pdbx_seq_one_letter_code
;MGSSHHHHHHSSGLVPRGSHMKDERAPLSYPFNEAVALDVDPLYAKLRAEEPVVRVSCPFGEDAWLVTSHADMKTILADP
RFSRALAAEHDESRLTPLPIHTSILGMDSPDHTRLRRLLAKVFTMRRVELLRPRIEQEADRLIDALIAEGPPGDLMEGFA
VPFAGTVVCDLLGVPFEDREQFRGWLDAFSATTVMTEEEIEADTERLHGYIAQLMVRRRAEPQDDLISAMVKASDEEEKL
SEKELVELASVLLIAGHETVSSQLIDSLHVLFTHPEQLRLLKDRPELMPGTVEELMRFVPLISHVTFARYATEDVELSGT
LVRAGESVLPAIPSANRDESVFENADRFDLTREHNPHLGFGYGIHRCLGAPLARLEMQVALDSLLRRLPELRCAVPAESL
EWKDGMQVRSLLELPVLW
;
_entity_poly.pdbx_strand_id   A
#
loop_
_chem_comp.id
_chem_comp.type
_chem_comp.name
_chem_comp.formula
B9R non-polymer N-[(2S)-1-hydroxy-3-(1H-indol-3-yl)propan-2-yl]-N~2~-methyl-L-valinamide 'C17 H25 N3 O2'
HEM non-polymer 'PROTOPORPHYRIN IX CONTAINING FE' 'C34 H32 Fe N4 O4'
#
# COMPACT_ATOMS: atom_id res chain seq x y z
N PRO A 27 -1.93 29.48 -0.12
CA PRO A 27 -1.30 28.20 0.19
C PRO A 27 -0.55 27.62 -1.01
N LEU A 28 0.54 26.92 -0.73
CA LEU A 28 1.31 26.28 -1.80
C LEU A 28 0.45 25.27 -2.54
N SER A 29 0.63 25.16 -3.85
CA SER A 29 -0.06 24.09 -4.57
C SER A 29 0.67 22.77 -4.32
N TYR A 30 -0.11 21.74 -3.98
CA TYR A 30 0.41 20.43 -3.64
C TYR A 30 -0.26 19.39 -4.54
N PRO A 31 0.48 18.38 -5.02
CA PRO A 31 1.90 18.09 -4.78
C PRO A 31 2.82 19.14 -5.37
N PHE A 32 3.95 19.39 -4.71
CA PHE A 32 4.90 20.39 -5.17
C PHE A 32 5.48 20.01 -6.53
N ASN A 33 5.78 18.73 -6.73
CA ASN A 33 6.34 18.24 -7.97
C ASN A 33 5.85 16.82 -8.17
N GLU A 34 5.56 16.45 -9.42
CA GLU A 34 5.13 15.07 -9.65
C GLU A 34 6.26 14.12 -9.25
N ALA A 35 5.89 12.96 -8.73
CA ALA A 35 6.89 12.04 -8.21
C ALA A 35 7.73 11.49 -9.35
N VAL A 36 9.04 11.37 -9.11
CA VAL A 36 9.98 10.82 -10.07
C VAL A 36 10.63 9.58 -9.46
N ALA A 37 10.58 8.47 -10.21
CA ALA A 37 11.19 7.21 -9.81
C ALA A 37 10.92 6.96 -8.33
N LEU A 38 11.97 6.70 -7.55
CA LEU A 38 11.88 6.70 -6.09
C LEU A 38 12.59 7.91 -5.49
N ASP A 39 12.78 8.96 -6.27
CA ASP A 39 13.38 10.17 -5.73
C ASP A 39 12.40 10.87 -4.80
N VAL A 40 12.89 11.32 -3.66
CA VAL A 40 12.09 12.09 -2.72
C VAL A 40 12.29 13.57 -3.00
N ASP A 41 11.20 14.33 -2.95
CA ASP A 41 11.28 15.76 -3.18
C ASP A 41 12.10 16.41 -2.07
N PRO A 42 13.20 17.12 -2.39
CA PRO A 42 14.02 17.71 -1.32
C PRO A 42 13.26 18.67 -0.42
N LEU A 43 12.06 19.10 -0.81
CA LEU A 43 11.29 20.03 0.03
C LEU A 43 10.88 19.41 1.34
N TYR A 44 10.65 18.09 1.38
CA TYR A 44 10.23 17.47 2.62
C TYR A 44 11.28 17.64 3.71
N ALA A 45 12.55 17.42 3.38
CA ALA A 45 13.60 17.59 4.36
C ALA A 45 13.66 19.03 4.84
N LYS A 46 13.49 19.98 3.91
CA LYS A 46 13.47 21.39 4.26
C LYS A 46 12.26 21.72 5.13
N LEU A 47 11.10 21.16 4.80
CA LEU A 47 9.91 21.38 5.61
C LEU A 47 10.09 20.78 7.01
N ARG A 48 10.65 19.56 7.10
CA ARG A 48 10.85 18.95 8.42
C ARG A 48 11.77 19.79 9.28
N ALA A 49 12.74 20.46 8.67
CA ALA A 49 13.70 21.26 9.41
C ALA A 49 13.10 22.59 9.87
N GLU A 50 12.34 23.25 9.00
CA GLU A 50 12.02 24.67 9.15
C GLU A 50 10.53 24.98 9.29
N GLU A 51 9.64 24.11 8.83
CA GLU A 51 8.21 24.39 8.89
C GLU A 51 7.45 23.09 8.69
N PRO A 52 7.35 22.24 9.72
CA PRO A 52 6.89 20.86 9.49
C PRO A 52 5.45 20.73 9.03
N VAL A 53 4.59 21.72 9.27
CA VAL A 53 3.20 21.69 8.85
C VAL A 53 2.96 22.93 8.02
N VAL A 54 2.45 22.75 6.80
CA VAL A 54 2.31 23.85 5.85
C VAL A 54 0.94 23.77 5.19
N ARG A 55 0.29 24.92 5.04
CA ARG A 55 -0.99 24.99 4.33
C ARG A 55 -0.75 24.79 2.83
N VAL A 56 -1.61 23.98 2.21
CA VAL A 56 -1.52 23.72 0.77
C VAL A 56 -2.91 23.72 0.16
N SER A 57 -2.97 23.94 -1.15
CA SER A 57 -4.17 23.68 -1.91
C SER A 57 -3.99 22.36 -2.65
N CYS A 58 -5.04 21.57 -2.68
CA CYS A 58 -5.00 20.21 -3.18
C CYS A 58 -5.53 20.15 -4.60
N PRO A 59 -5.19 19.12 -5.36
CA PRO A 59 -5.76 19.00 -6.72
C PRO A 59 -7.28 18.99 -6.73
N PHE A 60 -7.90 18.39 -5.70
CA PHE A 60 -9.34 18.34 -5.57
C PHE A 60 -9.69 18.53 -4.10
N GLY A 61 -10.93 18.97 -3.85
CA GLY A 61 -11.36 19.26 -2.50
C GLY A 61 -10.70 20.46 -1.82
N GLU A 62 -10.95 20.54 -0.51
CA GLU A 62 -10.58 21.66 0.33
C GLU A 62 -9.07 21.77 0.50
N ASP A 63 -8.63 22.99 0.80
CA ASP A 63 -7.27 23.21 1.26
C ASP A 63 -6.99 22.34 2.48
N ALA A 64 -5.70 22.13 2.77
CA ALA A 64 -5.31 21.19 3.79
C ALA A 64 -4.00 21.62 4.43
N TRP A 65 -3.68 20.98 5.56
CA TRP A 65 -2.37 21.10 6.19
C TRP A 65 -1.55 19.87 5.83
N LEU A 66 -0.48 20.07 5.06
CA LEU A 66 0.47 19.00 4.83
C LEU A 66 1.29 18.76 6.09
N VAL A 67 1.35 17.50 6.53
CA VAL A 67 2.07 17.09 7.74
C VAL A 67 3.25 16.22 7.32
N THR A 68 4.45 16.53 7.83
CA THR A 68 5.68 15.92 7.32
C THR A 68 6.51 15.14 8.33
N SER A 69 6.34 15.35 9.62
CA SER A 69 7.25 14.78 10.60
C SER A 69 6.71 13.47 11.15
N HIS A 70 7.62 12.65 11.66
CA HIS A 70 7.23 11.35 12.22
C HIS A 70 6.28 11.52 13.39
N ALA A 71 6.59 12.43 14.32
CA ALA A 71 5.80 12.59 15.54
C ALA A 71 4.39 13.05 15.23
N ASP A 72 4.27 14.08 14.38
CA ASP A 72 2.96 14.55 13.97
C ASP A 72 2.22 13.50 13.17
N MET A 73 2.94 12.70 12.38
CA MET A 73 2.31 11.64 11.62
C MET A 73 1.60 10.66 12.55
N LYS A 74 2.28 10.26 13.64
CA LYS A 74 1.63 9.35 14.58
C LYS A 74 0.40 10.00 15.20
N THR A 75 0.49 11.28 15.53
CA THR A 75 -0.66 11.98 16.09
C THR A 75 -1.85 11.94 15.14
N ILE A 76 -1.67 12.38 13.89
CA ILE A 76 -2.84 12.48 13.02
C ILE A 76 -3.36 11.11 12.59
N LEU A 77 -2.53 10.06 12.65
CA LEU A 77 -3.02 8.73 12.33
C LEU A 77 -3.70 8.06 13.52
N ALA A 78 -3.28 8.37 14.75
CA ALA A 78 -3.77 7.63 15.90
C ALA A 78 -4.59 8.43 16.89
N ASP A 79 -4.47 9.76 16.92
CA ASP A 79 -5.15 10.53 17.96
C ASP A 79 -6.63 10.59 17.66
N PRO A 80 -7.50 10.36 18.65
CA PRO A 80 -8.94 10.37 18.38
C PRO A 80 -9.48 11.73 17.94
N ARG A 81 -8.71 12.81 18.09
CA ARG A 81 -9.13 14.12 17.62
C ARG A 81 -8.99 14.28 16.11
N PHE A 82 -8.56 13.25 15.39
CA PHE A 82 -8.46 13.26 13.94
C PHE A 82 -9.33 12.12 13.39
N SER A 83 -10.24 12.45 12.48
CA SER A 83 -11.27 11.54 12.03
C SER A 83 -11.17 11.31 10.53
N ARG A 84 -11.37 10.05 10.10
CA ARG A 84 -11.55 9.76 8.69
C ARG A 84 -13.01 9.90 8.27
N ALA A 85 -13.95 9.53 9.16
CA ALA A 85 -15.35 9.54 8.77
C ALA A 85 -15.86 10.94 8.50
N LEU A 86 -15.26 11.95 9.13
CA LEU A 86 -15.66 13.33 8.92
C LEU A 86 -15.31 13.84 7.52
N ALA A 87 -14.41 13.16 6.80
CA ALA A 87 -14.14 13.54 5.42
C ALA A 87 -15.40 13.51 4.59
N ALA A 88 -16.31 12.59 4.90
CA ALA A 88 -17.53 12.46 4.12
C ALA A 88 -18.45 13.66 4.28
N GLU A 89 -18.23 14.49 5.30
CA GLU A 89 -19.03 15.70 5.49
C GLU A 89 -18.34 16.94 4.98
N HIS A 90 -17.23 16.77 4.24
CA HIS A 90 -16.53 17.84 3.56
C HIS A 90 -16.40 17.49 2.08
N ASP A 91 -15.86 18.44 1.32
CA ASP A 91 -15.24 18.11 0.03
C ASP A 91 -13.82 17.68 0.34
N GLU A 92 -13.65 16.38 0.56
CA GLU A 92 -12.43 15.84 1.16
C GLU A 92 -11.18 16.29 0.41
N SER A 93 -10.24 16.90 1.14
CA SER A 93 -8.92 17.18 0.60
C SER A 93 -8.32 15.89 0.03
N ARG A 94 -7.86 15.94 -1.22
CA ARG A 94 -7.45 14.70 -1.87
C ARG A 94 -6.71 15.00 -3.17
N LEU A 95 -5.97 13.97 -3.65
CA LEU A 95 -5.27 14.02 -4.92
C LEU A 95 -6.05 13.37 -6.05
N THR A 96 -7.16 12.68 -5.73
CA THR A 96 -7.96 11.94 -6.68
C THR A 96 -9.21 12.71 -7.07
N PRO A 97 -9.68 12.61 -8.32
CA PRO A 97 -10.83 13.43 -8.75
C PRO A 97 -12.07 13.25 -7.89
N LEU A 98 -12.31 12.04 -7.42
CA LEU A 98 -13.40 11.73 -6.51
C LEU A 98 -12.84 11.10 -5.23
N PRO A 99 -13.52 11.28 -4.10
CA PRO A 99 -13.12 10.55 -2.89
C PRO A 99 -13.15 9.05 -3.15
N ILE A 100 -12.20 8.34 -2.57
CA ILE A 100 -12.10 6.91 -2.78
C ILE A 100 -13.07 6.19 -1.84
N HIS A 101 -13.64 5.09 -2.31
CA HIS A 101 -14.48 4.23 -1.46
C HIS A 101 -13.54 3.38 -0.63
N THR A 102 -13.10 3.92 0.50
CA THR A 102 -12.03 3.28 1.28
C THR A 102 -12.57 2.33 2.34
N SER A 103 -13.88 2.11 2.40
CA SER A 103 -14.49 1.06 3.23
C SER A 103 -14.06 1.27 4.68
N ILE A 104 -13.45 0.28 5.34
CA ILE A 104 -13.01 0.39 6.73
C ILE A 104 -12.07 1.57 6.95
N LEU A 105 -11.24 1.90 5.97
CA LEU A 105 -10.29 3.00 6.11
C LEU A 105 -10.97 4.36 6.04
N GLY A 106 -12.27 4.40 5.74
CA GLY A 106 -13.04 5.61 5.77
C GLY A 106 -13.92 5.79 6.99
N MET A 107 -13.84 4.89 7.97
CA MET A 107 -14.74 4.88 9.11
C MET A 107 -14.03 5.22 10.42
N ASP A 108 -14.81 5.74 11.36
CA ASP A 108 -14.42 5.84 12.76
C ASP A 108 -15.19 4.81 13.56
N SER A 109 -14.76 4.63 14.81
CA SER A 109 -15.60 3.88 15.74
C SER A 109 -16.98 4.54 15.81
N PRO A 110 -18.06 3.76 15.90
CA PRO A 110 -18.10 2.30 16.08
C PRO A 110 -18.05 1.51 14.78
N ASP A 111 -18.49 2.09 13.65
CA ASP A 111 -18.53 1.34 12.41
C ASP A 111 -17.17 0.72 12.11
N HIS A 112 -16.09 1.47 12.33
CA HIS A 112 -14.76 0.91 12.09
C HIS A 112 -14.53 -0.34 12.93
N THR A 113 -14.85 -0.26 14.22
CA THR A 113 -14.66 -1.38 15.13
C THR A 113 -15.37 -2.62 14.63
N ARG A 114 -16.57 -2.45 14.08
CA ARG A 114 -17.39 -3.56 13.60
C ARG A 114 -16.71 -4.30 12.45
N LEU A 115 -16.26 -3.56 11.44
CA LEU A 115 -15.56 -4.22 10.33
C LEU A 115 -14.21 -4.74 10.77
N ARG A 116 -13.47 -3.96 11.55
CA ARG A 116 -12.16 -4.40 12.02
C ARG A 116 -12.26 -5.71 12.78
N ARG A 117 -13.29 -5.83 13.61
CA ARG A 117 -13.44 -7.05 14.42
C ARG A 117 -13.79 -8.24 13.54
N LEU A 118 -14.73 -8.06 12.61
CA LEU A 118 -15.06 -9.14 11.68
C LEU A 118 -13.80 -9.61 10.96
N LEU A 119 -12.98 -8.68 10.49
CA LEU A 119 -11.79 -9.04 9.74
C LEU A 119 -10.73 -9.68 10.63
N ALA A 120 -10.52 -9.13 11.82
CA ALA A 120 -9.58 -9.76 12.74
C ALA A 120 -10.00 -11.21 13.02
N LYS A 121 -11.30 -11.48 13.09
CA LYS A 121 -11.72 -12.83 13.42
C LYS A 121 -11.57 -13.80 12.25
N VAL A 122 -11.59 -13.30 11.01
CA VAL A 122 -11.49 -14.18 9.85
C VAL A 122 -10.10 -14.12 9.23
N PHE A 123 -9.46 -12.96 9.32
CA PHE A 123 -8.15 -12.73 8.71
C PHE A 123 -7.07 -12.92 9.77
N THR A 124 -6.94 -14.18 10.20
CA THR A 124 -6.15 -14.50 11.38
C THR A 124 -4.68 -14.70 11.05
N MET A 125 -3.83 -14.61 12.08
CA MET A 125 -2.43 -14.96 11.91
C MET A 125 -2.27 -16.41 11.48
N ARG A 126 -3.09 -17.31 12.03
CA ARG A 126 -3.02 -18.71 11.62
C ARG A 126 -3.34 -18.87 10.13
N ARG A 127 -4.40 -18.22 9.66
CA ARG A 127 -4.76 -18.34 8.24
C ARG A 127 -3.60 -17.90 7.35
N VAL A 128 -2.96 -16.78 7.70
CA VAL A 128 -1.85 -16.28 6.90
C VAL A 128 -0.68 -17.25 6.94
N GLU A 129 -0.23 -17.59 8.15
CA GLU A 129 0.93 -18.48 8.27
C GLU A 129 0.68 -19.81 7.57
N LEU A 130 -0.57 -20.29 7.55
CA LEU A 130 -0.87 -21.52 6.83
C LEU A 130 -0.75 -21.38 5.32
N LEU A 131 -0.78 -20.15 4.79
CA LEU A 131 -0.56 -19.92 3.38
C LEU A 131 0.89 -20.09 2.97
N ARG A 132 1.82 -20.17 3.93
CA ARG A 132 3.24 -20.13 3.60
C ARG A 132 3.64 -21.18 2.55
N PRO A 133 3.28 -22.46 2.66
CA PRO A 133 3.69 -23.41 1.61
C PRO A 133 3.21 -23.04 0.22
N ARG A 134 1.98 -22.52 0.09
CA ARG A 134 1.47 -22.16 -1.23
C ARG A 134 2.16 -20.91 -1.77
N ILE A 135 2.48 -19.96 -0.89
CA ILE A 135 3.17 -18.76 -1.32
C ILE A 135 4.57 -19.11 -1.80
N GLU A 136 5.28 -19.95 -1.01
CA GLU A 136 6.61 -20.39 -1.43
C GLU A 136 6.55 -21.15 -2.74
N GLN A 137 5.54 -22.02 -2.92
CA GLN A 137 5.40 -22.77 -4.15
C GLN A 137 5.15 -21.85 -5.34
N GLU A 138 4.29 -20.83 -5.17
CA GLU A 138 4.02 -19.91 -6.27
C GLU A 138 5.28 -19.16 -6.67
N ALA A 139 6.08 -18.75 -5.70
CA ALA A 139 7.33 -18.05 -6.02
C ALA A 139 8.24 -18.96 -6.84
N ASP A 140 8.38 -20.22 -6.43
CA ASP A 140 9.22 -21.16 -7.19
C ASP A 140 8.66 -21.38 -8.60
N ARG A 141 7.34 -21.48 -8.72
CA ARG A 141 6.73 -21.72 -10.04
C ARG A 141 6.97 -20.53 -10.97
N LEU A 142 6.86 -19.31 -10.45
CA LEU A 142 7.12 -18.15 -11.28
C LEU A 142 8.59 -18.10 -11.71
N ILE A 143 9.49 -18.49 -10.82
CA ILE A 143 10.90 -18.51 -11.22
C ILE A 143 11.17 -19.63 -12.21
N ASP A 144 10.48 -20.78 -12.07
CA ASP A 144 10.59 -21.85 -13.07
C ASP A 144 10.24 -21.31 -14.46
N ALA A 145 9.16 -20.55 -14.54
CA ALA A 145 8.73 -19.96 -15.82
C ALA A 145 9.75 -18.95 -16.34
N LEU A 146 10.25 -18.07 -15.46
CA LEU A 146 11.27 -17.11 -15.90
C LEU A 146 12.46 -17.84 -16.52
N ILE A 147 12.96 -18.87 -15.82
CA ILE A 147 14.11 -19.61 -16.31
C ILE A 147 13.79 -20.29 -17.62
N ALA A 148 12.60 -20.92 -17.70
CA ALA A 148 12.22 -21.61 -18.93
C ALA A 148 12.15 -20.64 -20.11
N GLU A 149 11.72 -19.41 -19.84
CA GLU A 149 11.52 -18.46 -20.93
C GLU A 149 12.80 -17.74 -21.30
N GLY A 150 13.83 -17.81 -20.47
CA GLY A 150 15.14 -17.27 -20.79
C GLY A 150 15.24 -15.77 -20.54
N PRO A 151 16.45 -15.30 -20.31
CA PRO A 151 16.65 -13.88 -20.03
C PRO A 151 16.58 -13.06 -21.31
N PRO A 152 16.21 -11.77 -21.23
CA PRO A 152 15.87 -11.10 -19.98
C PRO A 152 14.43 -11.36 -19.60
N GLY A 153 14.16 -11.39 -18.30
CA GLY A 153 12.80 -11.50 -17.80
C GLY A 153 12.37 -10.20 -17.18
N ASP A 154 11.07 -10.05 -16.97
CA ASP A 154 10.50 -8.84 -16.38
C ASP A 154 10.06 -9.17 -14.96
N LEU A 155 10.79 -8.68 -13.96
CA LEU A 155 10.39 -8.97 -12.58
C LEU A 155 9.06 -8.32 -12.20
N MET A 156 8.50 -7.42 -13.02
CA MET A 156 7.19 -6.84 -12.72
C MET A 156 6.09 -7.76 -13.26
N GLU A 157 5.86 -7.77 -14.57
CA GLU A 157 4.79 -8.64 -15.08
C GLU A 157 5.14 -10.12 -14.99
N GLY A 158 6.44 -10.47 -14.91
CA GLY A 158 6.85 -11.85 -14.81
C GLY A 158 7.08 -12.34 -13.40
N PHE A 159 6.93 -11.48 -12.38
CA PHE A 159 7.07 -11.96 -11.01
C PHE A 159 6.19 -11.20 -10.01
N ALA A 160 6.47 -9.91 -9.75
CA ALA A 160 5.78 -9.20 -8.67
C ALA A 160 4.26 -9.21 -8.85
N VAL A 161 3.81 -8.94 -10.07
CA VAL A 161 2.39 -8.80 -10.35
C VAL A 161 1.69 -10.15 -10.17
N PRO A 162 2.10 -11.23 -10.89
CA PRO A 162 1.38 -12.50 -10.70
C PRO A 162 1.61 -13.13 -9.33
N PHE A 163 2.74 -12.85 -8.69
CA PHE A 163 2.97 -13.35 -7.33
C PHE A 163 1.97 -12.72 -6.37
N ALA A 164 1.98 -11.39 -6.28
CA ALA A 164 1.03 -10.69 -5.42
C ALA A 164 -0.40 -11.05 -5.80
N GLY A 165 -0.67 -11.18 -7.11
CA GLY A 165 -2.04 -11.42 -7.55
C GLY A 165 -2.55 -12.81 -7.21
N THR A 166 -1.73 -13.85 -7.45
CA THR A 166 -2.18 -15.20 -7.12
C THR A 166 -2.39 -15.35 -5.61
N VAL A 167 -1.51 -14.73 -4.82
CA VAL A 167 -1.60 -14.84 -3.36
C VAL A 167 -2.88 -14.20 -2.82
N VAL A 168 -3.15 -12.94 -3.19
CA VAL A 168 -4.36 -12.30 -2.69
C VAL A 168 -5.60 -12.96 -3.28
N CYS A 169 -5.52 -13.41 -4.54
CA CYS A 169 -6.66 -14.11 -5.12
C CYS A 169 -6.96 -15.40 -4.39
N ASP A 170 -5.91 -16.15 -4.03
CA ASP A 170 -6.10 -17.38 -3.27
C ASP A 170 -6.69 -17.08 -1.90
N LEU A 171 -6.13 -16.09 -1.21
CA LEU A 171 -6.60 -15.74 0.14
C LEU A 171 -8.04 -15.25 0.13
N LEU A 172 -8.36 -14.35 -0.80
CA LEU A 172 -9.68 -13.71 -0.82
C LEU A 172 -10.75 -14.60 -1.43
N GLY A 173 -10.39 -15.44 -2.40
CA GLY A 173 -11.36 -16.18 -3.17
C GLY A 173 -11.80 -15.49 -4.44
N VAL A 174 -11.11 -14.44 -4.86
CA VAL A 174 -11.31 -13.85 -6.18
C VAL A 174 -10.56 -14.74 -7.16
N PRO A 175 -11.21 -15.29 -8.20
CA PRO A 175 -10.47 -16.19 -9.10
C PRO A 175 -9.38 -15.42 -9.84
N PHE A 176 -8.16 -15.96 -9.80
CA PHE A 176 -7.06 -15.31 -10.50
C PHE A 176 -7.28 -15.32 -12.00
N GLU A 177 -8.01 -16.33 -12.50
CA GLU A 177 -8.35 -16.41 -13.92
C GLU A 177 -9.23 -15.24 -14.37
N ASP A 178 -9.86 -14.53 -13.44
CA ASP A 178 -10.64 -13.34 -13.78
C ASP A 178 -9.80 -12.07 -13.88
N ARG A 179 -8.49 -12.18 -13.68
CA ARG A 179 -7.63 -10.99 -13.69
C ARG A 179 -7.82 -10.18 -14.96
N GLU A 180 -8.02 -10.87 -16.09
CA GLU A 180 -8.19 -10.20 -17.37
C GLU A 180 -9.38 -9.23 -17.33
N GLN A 181 -10.42 -9.56 -16.57
CA GLN A 181 -11.57 -8.67 -16.42
C GLN A 181 -11.34 -7.60 -15.36
N PHE A 182 -10.85 -7.98 -14.18
CA PHE A 182 -10.88 -7.02 -13.08
C PHE A 182 -9.66 -6.12 -13.01
N ARG A 183 -8.52 -6.52 -13.58
CA ARG A 183 -7.30 -5.75 -13.36
C ARG A 183 -7.43 -4.34 -13.92
N GLY A 184 -8.12 -4.19 -15.04
CA GLY A 184 -8.31 -2.87 -15.63
C GLY A 184 -9.27 -1.95 -14.88
N TRP A 185 -9.89 -2.40 -13.80
CA TRP A 185 -10.72 -1.53 -12.98
C TRP A 185 -9.99 -1.01 -11.75
N LEU A 186 -8.84 -1.58 -11.41
CA LEU A 186 -8.22 -1.24 -10.13
C LEU A 186 -7.68 0.18 -10.11
N ASP A 187 -7.16 0.66 -11.25
CA ASP A 187 -6.56 1.99 -11.29
C ASP A 187 -7.54 3.06 -10.83
N ALA A 188 -8.85 2.81 -11.00
CA ALA A 188 -9.85 3.80 -10.61
C ALA A 188 -9.76 4.13 -9.12
N PHE A 189 -9.29 3.19 -8.30
CA PHE A 189 -9.17 3.42 -6.87
C PHE A 189 -7.92 4.20 -6.51
N SER A 190 -7.06 4.47 -7.50
CA SER A 190 -5.74 5.06 -7.27
C SER A 190 -5.42 6.25 -8.17
N ALA A 191 -6.06 6.39 -9.32
CA ALA A 191 -5.64 7.40 -10.30
C ALA A 191 -5.80 8.81 -9.75
N THR A 192 -4.76 9.63 -9.93
CA THR A 192 -4.82 11.04 -9.57
C THR A 192 -5.09 11.92 -10.78
N THR A 193 -4.15 11.94 -11.73
CA THR A 193 -4.23 12.87 -12.85
C THR A 193 -4.69 12.23 -14.14
N VAL A 194 -4.90 10.90 -14.17
CA VAL A 194 -4.89 10.20 -15.45
C VAL A 194 -6.23 9.54 -15.78
N MET A 195 -7.27 9.77 -14.98
CA MET A 195 -8.61 9.27 -15.31
C MET A 195 -9.64 10.34 -15.03
N THR A 196 -10.71 10.35 -15.83
CA THR A 196 -11.81 11.30 -15.60
C THR A 196 -12.73 10.81 -14.49
N GLU A 197 -13.53 11.75 -13.97
CA GLU A 197 -14.57 11.39 -13.00
C GLU A 197 -15.43 10.24 -13.53
N GLU A 198 -15.84 10.34 -14.79
CA GLU A 198 -16.79 9.37 -15.34
C GLU A 198 -16.14 8.01 -15.49
N GLU A 199 -14.87 7.96 -15.88
CA GLU A 199 -14.16 6.69 -15.99
C GLU A 199 -13.98 6.04 -14.63
N ILE A 200 -13.66 6.85 -13.62
CA ILE A 200 -13.49 6.34 -12.26
C ILE A 200 -14.79 5.75 -11.73
N GLU A 201 -15.89 6.49 -11.89
CA GLU A 201 -17.19 6.01 -11.42
C GLU A 201 -17.56 4.70 -12.09
N ALA A 202 -17.40 4.66 -13.42
CA ALA A 202 -17.74 3.45 -14.16
C ALA A 202 -16.91 2.27 -13.74
N ASP A 203 -15.59 2.46 -13.58
CA ASP A 203 -14.73 1.33 -13.21
C ASP A 203 -14.95 0.92 -11.76
N THR A 204 -15.20 1.89 -10.88
CA THR A 204 -15.54 1.56 -9.49
C THR A 204 -16.80 0.72 -9.44
N GLU A 205 -17.81 1.10 -10.23
CA GLU A 205 -19.05 0.33 -10.27
C GLU A 205 -18.81 -1.08 -10.81
N ARG A 206 -18.00 -1.20 -11.86
CA ARG A 206 -17.72 -2.52 -12.41
C ARG A 206 -17.07 -3.44 -11.38
N LEU A 207 -16.07 -2.94 -10.65
CA LEU A 207 -15.41 -3.80 -9.68
C LEU A 207 -16.37 -4.21 -8.57
N HIS A 208 -17.11 -3.23 -8.03
CA HIS A 208 -18.08 -3.54 -6.98
C HIS A 208 -19.12 -4.53 -7.49
N GLY A 209 -19.64 -4.31 -8.71
CA GLY A 209 -20.59 -5.25 -9.28
C GLY A 209 -20.01 -6.63 -9.46
N TYR A 210 -18.74 -6.70 -9.87
CA TYR A 210 -18.06 -7.99 -10.02
C TYR A 210 -17.94 -8.71 -8.68
N ILE A 211 -17.51 -8.00 -7.64
CA ILE A 211 -17.41 -8.61 -6.32
C ILE A 211 -18.78 -9.02 -5.80
N ALA A 212 -19.81 -8.22 -6.10
CA ALA A 212 -21.16 -8.55 -5.61
C ALA A 212 -21.63 -9.89 -6.16
N GLN A 213 -21.36 -10.16 -7.44
CA GLN A 213 -21.75 -11.44 -8.03
C GLN A 213 -20.97 -12.60 -7.42
N LEU A 214 -19.69 -12.39 -7.15
CA LEU A 214 -18.89 -13.44 -6.50
C LEU A 214 -19.42 -13.75 -5.11
N MET A 215 -19.95 -12.74 -4.41
CA MET A 215 -20.49 -12.99 -3.09
C MET A 215 -21.75 -13.85 -3.14
N VAL A 216 -22.55 -13.71 -4.19
CA VAL A 216 -23.72 -14.57 -4.34
C VAL A 216 -23.29 -16.02 -4.46
N ARG A 217 -22.24 -16.27 -5.24
CA ARG A 217 -21.71 -17.61 -5.41
C ARG A 217 -21.10 -18.12 -4.10
N ARG A 218 -20.27 -17.31 -3.44
CA ARG A 218 -19.61 -17.76 -2.21
C ARG A 218 -20.57 -17.89 -1.05
N ARG A 219 -21.67 -17.13 -1.06
CA ARG A 219 -22.70 -17.33 -0.04
C ARG A 219 -23.36 -18.70 -0.18
N ALA A 220 -23.64 -19.10 -1.42
CA ALA A 220 -24.29 -20.38 -1.67
C ALA A 220 -23.32 -21.55 -1.57
N GLU A 221 -22.05 -21.30 -1.85
CA GLU A 221 -21.06 -22.36 -2.02
C GLU A 221 -19.75 -21.90 -1.41
N PRO A 222 -19.66 -21.91 -0.07
CA PRO A 222 -18.47 -21.39 0.59
C PRO A 222 -17.22 -22.17 0.23
N GLN A 223 -16.13 -21.45 0.05
CA GLN A 223 -14.82 -22.05 -0.17
C GLN A 223 -13.94 -21.65 0.99
N ASP A 224 -12.70 -22.14 0.99
CA ASP A 224 -11.74 -21.78 2.04
C ASP A 224 -11.04 -20.48 1.64
N ASP A 225 -11.74 -19.38 1.82
CA ASP A 225 -11.21 -18.07 1.43
C ASP A 225 -11.89 -16.99 2.28
N LEU A 226 -11.38 -15.76 2.15
CA LEU A 226 -11.82 -14.70 3.04
C LEU A 226 -13.23 -14.23 2.71
N ILE A 227 -13.60 -14.16 1.42
CA ILE A 227 -14.93 -13.68 1.09
C ILE A 227 -15.99 -14.61 1.65
N SER A 228 -15.76 -15.92 1.53
CA SER A 228 -16.71 -16.90 2.08
C SER A 228 -16.88 -16.70 3.59
N ALA A 229 -15.76 -16.57 4.30
CA ALA A 229 -15.83 -16.49 5.74
C ALA A 229 -16.39 -15.15 6.20
N MET A 230 -16.07 -14.07 5.48
CA MET A 230 -16.69 -12.79 5.78
C MET A 230 -18.20 -12.86 5.59
N VAL A 231 -18.64 -13.48 4.49
CA VAL A 231 -20.07 -13.57 4.22
C VAL A 231 -20.76 -14.39 5.30
N LYS A 232 -20.16 -15.52 5.69
CA LYS A 232 -20.74 -16.36 6.73
C LYS A 232 -20.83 -15.64 8.06
N ALA A 233 -19.71 -15.05 8.51
CA ALA A 233 -19.70 -14.33 9.78
C ALA A 233 -20.70 -13.19 9.77
N SER A 234 -20.83 -12.51 8.63
CA SER A 234 -21.73 -11.37 8.56
C SER A 234 -23.19 -11.81 8.52
N ASP A 235 -23.49 -12.82 7.70
CA ASP A 235 -24.87 -13.33 7.60
C ASP A 235 -25.35 -13.85 8.94
N GLU A 236 -24.48 -14.54 9.68
CA GLU A 236 -24.87 -15.21 10.92
C GLU A 236 -25.02 -14.24 12.08
N GLU A 237 -24.50 -13.02 11.96
CA GLU A 237 -24.65 -12.01 13.00
C GLU A 237 -25.35 -10.76 12.48
N GLU A 238 -25.83 -10.78 11.23
CA GLU A 238 -26.34 -9.59 10.54
C GLU A 238 -25.40 -8.41 10.77
N LYS A 239 -24.10 -8.67 10.67
CA LYS A 239 -23.11 -7.72 11.15
C LYS A 239 -22.73 -6.67 10.12
N LEU A 240 -22.96 -6.93 8.82
CA LEU A 240 -22.54 -6.03 7.76
C LEU A 240 -23.56 -6.00 6.64
N SER A 241 -23.71 -4.84 6.01
CA SER A 241 -24.53 -4.75 4.82
C SER A 241 -23.79 -5.37 3.62
N GLU A 242 -24.56 -5.75 2.61
CA GLU A 242 -23.97 -6.24 1.37
C GLU A 242 -22.99 -5.21 0.79
N LYS A 243 -23.42 -3.95 0.69
CA LYS A 243 -22.54 -2.90 0.21
C LYS A 243 -21.24 -2.82 1.01
N GLU A 244 -21.32 -2.91 2.34
CA GLU A 244 -20.10 -2.84 3.16
C GLU A 244 -19.20 -4.03 2.86
N LEU A 245 -19.78 -5.21 2.70
CA LEU A 245 -19.00 -6.39 2.36
C LEU A 245 -18.32 -6.22 1.01
N VAL A 246 -19.07 -5.75 0.00
CA VAL A 246 -18.51 -5.55 -1.34
C VAL A 246 -17.35 -4.58 -1.28
N GLU A 247 -17.55 -3.43 -0.64
CA GLU A 247 -16.50 -2.40 -0.64
C GLU A 247 -15.28 -2.85 0.15
N LEU A 248 -15.48 -3.65 1.21
CA LEU A 248 -14.35 -4.15 2.00
C LEU A 248 -13.57 -5.20 1.22
N ALA A 249 -14.27 -6.17 0.62
CA ALA A 249 -13.57 -7.15 -0.23
C ALA A 249 -12.82 -6.46 -1.36
N SER A 250 -13.39 -5.37 -1.90
CA SER A 250 -12.73 -4.66 -2.99
C SER A 250 -11.41 -4.02 -2.53
N VAL A 251 -11.39 -3.36 -1.38
CA VAL A 251 -10.12 -2.76 -0.96
C VAL A 251 -9.10 -3.83 -0.60
N LEU A 252 -9.54 -4.98 -0.09
CA LEU A 252 -8.59 -6.05 0.18
C LEU A 252 -7.93 -6.54 -1.11
N LEU A 253 -8.71 -6.62 -2.19
CA LEU A 253 -8.15 -7.02 -3.47
C LEU A 253 -7.11 -6.01 -3.97
N ILE A 254 -7.43 -4.72 -3.88
CA ILE A 254 -6.49 -3.69 -4.33
C ILE A 254 -5.21 -3.74 -3.51
N ALA A 255 -5.34 -3.81 -2.17
CA ALA A 255 -4.14 -3.83 -1.33
C ALA A 255 -3.26 -5.03 -1.66
N GLY A 256 -3.85 -6.21 -1.79
CA GLY A 256 -3.06 -7.39 -2.11
C GLY A 256 -2.48 -7.35 -3.51
N HIS A 257 -3.27 -6.91 -4.48
CA HIS A 257 -2.84 -6.96 -5.88
C HIS A 257 -1.93 -5.77 -6.22
N GLU A 258 -2.35 -4.56 -5.84
CA GLU A 258 -1.60 -3.39 -6.28
C GLU A 258 -0.53 -2.98 -5.27
N THR A 259 -0.88 -2.84 -4.00
CA THR A 259 0.11 -2.35 -3.03
C THR A 259 1.28 -3.30 -2.87
N VAL A 260 0.99 -4.60 -2.73
CA VAL A 260 2.09 -5.56 -2.53
C VAL A 260 3.01 -5.58 -3.75
N SER A 261 2.44 -5.65 -4.96
CA SER A 261 3.30 -5.76 -6.14
C SER A 261 4.10 -4.48 -6.33
N SER A 262 3.51 -3.33 -6.03
CA SER A 262 4.24 -2.07 -6.10
C SER A 262 5.39 -2.03 -5.10
N GLN A 263 5.12 -2.34 -3.82
CA GLN A 263 6.20 -2.37 -2.82
C GLN A 263 7.28 -3.36 -3.21
N LEU A 264 6.89 -4.52 -3.73
CA LEU A 264 7.85 -5.56 -4.08
C LEU A 264 8.75 -5.10 -5.22
N ILE A 265 8.16 -4.53 -6.28
CA ILE A 265 8.99 -4.18 -7.42
C ILE A 265 9.87 -2.97 -7.07
N ASP A 266 9.33 -2.04 -6.27
CA ASP A 266 10.15 -0.92 -5.81
C ASP A 266 11.29 -1.40 -4.92
N SER A 267 11.04 -2.42 -4.11
CA SER A 267 12.08 -2.94 -3.22
C SER A 267 13.18 -3.62 -4.03
N LEU A 268 12.81 -4.31 -5.12
CA LEU A 268 13.81 -4.91 -5.99
C LEU A 268 14.67 -3.82 -6.63
N HIS A 269 14.05 -2.71 -7.07
CA HIS A 269 14.84 -1.61 -7.62
C HIS A 269 15.82 -1.06 -6.59
N VAL A 270 15.37 -0.90 -5.34
CA VAL A 270 16.27 -0.40 -4.28
C VAL A 270 17.42 -1.36 -4.05
N LEU A 271 17.14 -2.66 -4.04
CA LEU A 271 18.21 -3.62 -3.82
C LEU A 271 19.20 -3.60 -4.98
N PHE A 272 18.69 -3.53 -6.23
CA PHE A 272 19.58 -3.45 -7.38
C PHE A 272 20.43 -2.19 -7.35
N THR A 273 19.84 -1.07 -6.94
CA THR A 273 20.58 0.18 -6.94
C THR A 273 21.43 0.36 -5.70
N HIS A 274 21.33 -0.53 -4.72
CA HIS A 274 22.24 -0.57 -3.57
C HIS A 274 22.91 -1.94 -3.54
N PRO A 275 23.75 -2.25 -4.53
CA PRO A 275 24.32 -3.60 -4.61
C PRO A 275 25.13 -3.98 -3.39
N GLU A 276 25.66 -3.00 -2.65
CA GLU A 276 26.44 -3.34 -1.46
C GLU A 276 25.54 -3.92 -0.38
N GLN A 277 24.33 -3.38 -0.25
CA GLN A 277 23.37 -3.93 0.70
C GLN A 277 22.86 -5.30 0.23
N LEU A 278 22.65 -5.43 -1.08
CA LEU A 278 22.25 -6.71 -1.65
C LEU A 278 23.29 -7.79 -1.37
N ARG A 279 24.56 -7.48 -1.60
CA ARG A 279 25.62 -8.43 -1.26
C ARG A 279 25.55 -8.84 0.20
N LEU A 280 25.32 -7.88 1.09
CA LEU A 280 25.25 -8.19 2.52
C LEU A 280 24.08 -9.11 2.84
N LEU A 281 22.94 -8.92 2.17
CA LEU A 281 21.77 -9.74 2.42
C LEU A 281 22.02 -11.19 1.99
N LYS A 282 22.68 -11.39 0.86
CA LYS A 282 22.93 -12.75 0.38
C LYS A 282 23.93 -13.47 1.26
N ASP A 283 24.84 -12.74 1.91
CA ASP A 283 25.82 -13.36 2.78
C ASP A 283 25.30 -13.59 4.20
N ARG A 284 24.26 -12.87 4.60
CA ARG A 284 23.71 -12.97 5.96
C ARG A 284 22.18 -13.01 5.88
N PRO A 285 21.62 -14.15 5.44
CA PRO A 285 20.17 -14.22 5.24
C PRO A 285 19.35 -13.99 6.49
N GLU A 286 19.92 -14.18 7.68
CA GLU A 286 19.19 -13.85 8.89
C GLU A 286 18.80 -12.37 8.96
N LEU A 287 19.33 -11.54 8.06
CA LEU A 287 18.97 -10.13 7.99
C LEU A 287 17.64 -9.87 7.28
N MET A 288 17.02 -10.90 6.68
CA MET A 288 15.87 -10.66 5.84
C MET A 288 14.71 -9.99 6.57
N PRO A 289 14.35 -10.37 7.80
CA PRO A 289 13.22 -9.67 8.45
C PRO A 289 13.50 -8.19 8.60
N GLY A 290 14.69 -7.84 9.08
CA GLY A 290 15.06 -6.44 9.15
C GLY A 290 15.16 -5.77 7.80
N THR A 291 15.59 -6.51 6.78
CA THR A 291 15.64 -5.96 5.43
C THR A 291 14.24 -5.56 4.96
N VAL A 292 13.26 -6.44 5.17
CA VAL A 292 11.89 -6.13 4.75
C VAL A 292 11.40 -4.86 5.45
N GLU A 293 11.69 -4.72 6.74
CA GLU A 293 11.27 -3.51 7.46
C GLU A 293 11.98 -2.27 6.94
N GLU A 294 13.28 -2.39 6.62
CA GLU A 294 13.97 -1.23 6.08
C GLU A 294 13.42 -0.84 4.72
N LEU A 295 12.99 -1.82 3.91
CA LEU A 295 12.41 -1.49 2.62
C LEU A 295 11.05 -0.82 2.78
N MET A 296 10.27 -1.26 3.78
CA MET A 296 9.00 -0.60 4.09
C MET A 296 9.22 0.88 4.43
N ARG A 297 10.29 1.18 5.18
CA ARG A 297 10.59 2.56 5.59
C ARG A 297 11.20 3.36 4.44
N PHE A 298 12.19 2.78 3.76
CA PHE A 298 12.98 3.54 2.78
C PHE A 298 12.24 3.78 1.47
N VAL A 299 11.58 2.75 0.93
CA VAL A 299 10.84 2.94 -0.32
C VAL A 299 9.78 4.01 -0.07
N PRO A 300 9.76 5.12 -0.81
CA PRO A 300 8.68 6.10 -0.65
C PRO A 300 7.45 5.64 -1.43
N LEU A 301 6.86 4.53 -0.97
CA LEU A 301 5.83 3.83 -1.73
C LEU A 301 4.66 4.74 -2.03
N ILE A 302 4.09 5.34 -1.00
CA ILE A 302 3.04 6.32 -1.18
C ILE A 302 3.60 7.49 -1.97
N SER A 303 2.95 7.86 -3.08
CA SER A 303 3.53 8.85 -3.99
C SER A 303 3.66 10.21 -3.31
N HIS A 304 2.70 10.57 -2.46
CA HIS A 304 2.66 11.88 -1.82
C HIS A 304 2.15 11.74 -0.40
N VAL A 305 0.84 11.51 -0.24
CA VAL A 305 0.20 11.38 1.07
C VAL A 305 -0.80 10.23 1.02
N THR A 306 -1.16 9.71 2.20
CA THR A 306 -2.29 8.80 2.31
C THR A 306 -3.55 9.64 2.51
N PHE A 307 -4.67 9.01 2.88
CA PHE A 307 -5.95 9.71 2.93
C PHE A 307 -5.99 10.76 4.04
N ALA A 308 -6.70 11.84 3.77
CA ALA A 308 -6.80 12.95 4.70
C ALA A 308 -7.60 12.59 5.95
N ARG A 309 -7.22 13.21 7.06
CA ARG A 309 -8.04 13.20 8.25
C ARG A 309 -8.52 14.62 8.52
N TYR A 310 -9.58 14.73 9.32
CA TYR A 310 -10.11 16.04 9.72
C TYR A 310 -10.05 16.18 11.23
N ALA A 311 -9.67 17.38 11.68
CA ALA A 311 -9.63 17.67 13.10
C ALA A 311 -11.04 17.78 13.68
N THR A 312 -11.27 17.10 14.82
CA THR A 312 -12.50 17.29 15.59
C THR A 312 -12.40 18.43 16.57
N GLU A 313 -11.18 18.84 16.94
CA GLU A 313 -10.90 19.97 17.82
C GLU A 313 -9.59 20.60 17.37
N ASP A 314 -9.35 21.82 17.85
CA ASP A 314 -8.07 22.45 17.59
C ASP A 314 -6.94 21.62 18.17
N VAL A 315 -5.87 21.46 17.39
CA VAL A 315 -4.67 20.74 17.79
C VAL A 315 -3.47 21.49 17.23
N GLU A 316 -2.47 21.74 18.07
CA GLU A 316 -1.22 22.33 17.60
C GLU A 316 -0.25 21.22 17.21
N LEU A 317 0.24 21.27 15.98
CA LEU A 317 1.25 20.34 15.48
C LEU A 317 2.47 21.14 15.07
N SER A 318 3.60 20.93 15.77
CA SER A 318 4.88 21.53 15.39
C SER A 318 4.80 23.05 15.27
N GLY A 319 4.07 23.67 16.20
CA GLY A 319 3.91 25.11 16.19
C GLY A 319 2.83 25.64 15.25
N THR A 320 2.21 24.78 14.46
CA THR A 320 1.12 25.18 13.58
C THR A 320 -0.21 24.75 14.18
N LEU A 321 -1.13 25.71 14.31
CA LEU A 321 -2.44 25.43 14.88
C LEU A 321 -3.37 24.91 13.79
N VAL A 322 -3.85 23.68 13.95
CA VAL A 322 -4.83 23.08 13.04
C VAL A 322 -6.19 23.20 13.72
N ARG A 323 -7.09 24.01 13.16
CA ARG A 323 -8.36 24.24 13.84
C ARG A 323 -9.38 23.15 13.50
N ALA A 324 -10.37 23.02 14.38
CA ALA A 324 -11.44 22.04 14.21
C ALA A 324 -12.09 22.18 12.84
N GLY A 325 -12.30 21.04 12.18
CA GLY A 325 -12.88 21.02 10.85
C GLY A 325 -11.89 21.18 9.71
N GLU A 326 -10.62 21.39 9.99
CA GLU A 326 -9.59 21.49 8.96
C GLU A 326 -8.93 20.13 8.75
N SER A 327 -8.42 19.91 7.55
CA SER A 327 -7.88 18.63 7.15
C SER A 327 -6.37 18.58 7.31
N VAL A 328 -5.84 17.35 7.48
CA VAL A 328 -4.40 17.13 7.48
C VAL A 328 -4.07 16.04 6.47
N LEU A 329 -2.95 16.21 5.75
CA LEU A 329 -2.49 15.23 4.77
C LEU A 329 -1.29 14.50 5.35
N PRO A 330 -1.38 13.18 5.56
CA PRO A 330 -0.25 12.46 6.16
C PRO A 330 0.79 12.04 5.13
N ALA A 331 1.91 12.77 5.05
CA ALA A 331 2.98 12.39 4.12
C ALA A 331 3.83 11.28 4.76
N ILE A 332 3.25 10.08 4.83
CA ILE A 332 3.94 8.95 5.47
C ILE A 332 5.38 8.78 4.98
N PRO A 333 5.69 8.85 3.68
CA PRO A 333 7.08 8.65 3.28
C PRO A 333 8.04 9.68 3.88
N SER A 334 7.56 10.90 4.12
CA SER A 334 8.38 11.92 4.74
C SER A 334 8.65 11.60 6.21
N ALA A 335 7.62 11.14 6.93
CA ALA A 335 7.81 10.68 8.30
C ALA A 335 8.85 9.58 8.37
N ASN A 336 8.87 8.70 7.37
CA ASN A 336 9.82 7.60 7.35
C ASN A 336 11.23 8.06 6.98
N ARG A 337 11.40 9.33 6.60
CA ARG A 337 12.71 9.92 6.33
C ARG A 337 13.10 10.93 7.40
N ASP A 338 12.44 10.90 8.56
CA ASP A 338 12.63 11.87 9.64
C ASP A 338 13.93 11.56 10.38
N GLU A 339 14.94 12.41 10.16
CA GLU A 339 16.23 12.25 10.83
C GLU A 339 16.13 12.31 12.34
N SER A 340 15.09 12.94 12.88
CA SER A 340 14.95 12.95 14.33
C SER A 340 14.49 11.60 14.89
N VAL A 341 14.17 10.65 14.02
CA VAL A 341 13.73 9.32 14.44
C VAL A 341 14.67 8.23 13.91
N PHE A 342 15.13 8.38 12.67
CA PHE A 342 16.01 7.41 12.02
C PHE A 342 17.33 8.08 11.72
N GLU A 343 18.41 7.56 12.30
CA GLU A 343 19.73 8.11 12.02
C GLU A 343 20.15 7.81 10.59
N ASN A 344 20.66 8.83 9.88
CA ASN A 344 20.93 8.72 8.45
C ASN A 344 19.69 8.19 7.73
N ALA A 345 18.57 8.84 7.98
CA ALA A 345 17.28 8.42 7.45
C ALA A 345 17.26 8.41 5.92
N ASP A 346 18.14 9.17 5.27
CA ASP A 346 18.19 9.20 3.83
C ASP A 346 19.02 8.06 3.25
N ARG A 347 19.49 7.13 4.06
CA ARG A 347 20.29 6.02 3.57
C ARG A 347 19.55 4.71 3.79
N PHE A 348 19.59 3.86 2.77
CA PHE A 348 19.07 2.51 2.88
C PHE A 348 20.11 1.65 3.61
N ASP A 349 19.73 1.12 4.78
CA ASP A 349 20.64 0.30 5.57
C ASP A 349 19.82 -0.88 6.10
N LEU A 350 19.96 -2.04 5.45
CA LEU A 350 19.13 -3.17 5.83
C LEU A 350 19.56 -3.80 7.15
N THR A 351 20.60 -3.29 7.80
CA THR A 351 20.95 -3.72 9.15
C THR A 351 20.23 -2.90 10.23
N ARG A 352 19.48 -1.88 9.82
CA ARG A 352 18.87 -0.98 10.78
C ARG A 352 18.01 -1.74 11.79
N GLU A 353 18.26 -1.50 13.08
CA GLU A 353 17.52 -2.16 14.14
C GLU A 353 16.43 -1.28 14.72
N HIS A 354 16.71 0.00 14.95
CA HIS A 354 15.67 0.94 15.37
C HIS A 354 14.93 1.40 14.12
N ASN A 355 13.67 0.99 13.98
CA ASN A 355 12.93 1.21 12.75
C ASN A 355 11.43 1.26 13.06
N PRO A 356 10.97 2.31 13.75
CA PRO A 356 9.53 2.46 14.00
C PRO A 356 8.82 3.11 12.81
N HIS A 357 9.00 2.51 11.64
CA HIS A 357 8.49 3.11 10.42
C HIS A 357 6.97 3.07 10.40
N LEU A 358 6.39 3.95 9.59
CA LEU A 358 4.95 4.06 9.45
C LEU A 358 4.47 3.57 8.08
N GLY A 359 5.29 2.74 7.41
CA GLY A 359 4.92 2.21 6.10
C GLY A 359 3.70 1.31 6.13
N PHE A 360 3.38 0.76 7.31
CA PHE A 360 2.14 0.02 7.53
C PHE A 360 1.16 0.84 8.36
N GLY A 361 1.30 2.16 8.38
CA GLY A 361 0.34 2.93 9.14
C GLY A 361 0.61 2.87 10.65
N TYR A 362 -0.39 3.33 11.40
CA TYR A 362 -0.26 3.49 12.84
C TYR A 362 -1.62 3.76 13.45
N GLY A 363 -1.89 3.15 14.60
CA GLY A 363 -3.14 3.41 15.28
C GLY A 363 -4.31 2.62 14.71
N ILE A 364 -5.49 3.25 14.79
CA ILE A 364 -6.75 2.57 14.53
C ILE A 364 -6.77 1.91 13.15
N HIS A 365 -6.24 2.58 12.14
CA HIS A 365 -6.27 2.10 10.76
C HIS A 365 -4.99 1.42 10.34
N ARG A 366 -4.13 1.05 11.27
CA ARG A 366 -2.88 0.39 10.89
C ARG A 366 -3.17 -0.88 10.09
N CYS A 367 -2.25 -1.19 9.18
CA CYS A 367 -2.49 -2.18 8.14
C CYS A 367 -2.81 -3.57 8.71
N LEU A 368 -4.01 -4.06 8.44
CA LEU A 368 -4.42 -5.40 8.83
C LEU A 368 -3.73 -6.47 7.99
N GLY A 369 -3.24 -6.10 6.82
CA GLY A 369 -2.52 -7.02 5.96
C GLY A 369 -1.03 -7.13 6.20
N ALA A 370 -0.46 -6.37 7.13
CA ALA A 370 1.00 -6.38 7.30
C ALA A 370 1.58 -7.77 7.52
N PRO A 371 0.99 -8.66 8.33
CA PRO A 371 1.59 -10.00 8.44
C PRO A 371 1.69 -10.70 7.09
N LEU A 372 0.65 -10.63 6.27
CA LEU A 372 0.69 -11.24 4.94
C LEU A 372 1.71 -10.54 4.05
N ALA A 373 1.69 -9.20 4.04
CA ALA A 373 2.63 -8.47 3.20
C ALA A 373 4.06 -8.81 3.57
N ARG A 374 4.33 -8.95 4.88
CA ARG A 374 5.67 -9.28 5.32
C ARG A 374 6.07 -10.69 4.88
N LEU A 375 5.14 -11.64 5.00
CA LEU A 375 5.39 -12.99 4.49
C LEU A 375 5.69 -12.97 2.98
N GLU A 376 4.89 -12.24 2.21
CA GLU A 376 5.10 -12.19 0.76
C GLU A 376 6.45 -11.57 0.42
N MET A 377 6.79 -10.44 1.05
CA MET A 377 8.08 -9.81 0.82
C MET A 377 9.24 -10.75 1.13
N GLN A 378 9.18 -11.43 2.29
CA GLN A 378 10.26 -12.32 2.66
C GLN A 378 10.36 -13.50 1.69
N VAL A 379 9.24 -14.16 1.40
CA VAL A 379 9.29 -15.33 0.52
C VAL A 379 9.77 -14.92 -0.88
N ALA A 380 9.28 -13.79 -1.39
CA ALA A 380 9.67 -13.38 -2.73
C ALA A 380 11.15 -13.04 -2.80
N LEU A 381 11.65 -12.29 -1.83
CA LEU A 381 13.06 -11.91 -1.92
C LEU A 381 13.96 -13.12 -1.66
N ASP A 382 13.59 -13.97 -0.70
CA ASP A 382 14.40 -15.15 -0.42
C ASP A 382 14.44 -16.09 -1.64
N SER A 383 13.31 -16.26 -2.31
CA SER A 383 13.25 -17.20 -3.44
C SER A 383 14.10 -16.71 -4.61
N LEU A 384 13.95 -15.43 -4.95
CA LEU A 384 14.73 -14.87 -6.05
C LEU A 384 16.22 -14.95 -5.77
N LEU A 385 16.63 -14.67 -4.53
CA LEU A 385 18.06 -14.67 -4.22
C LEU A 385 18.62 -16.09 -4.13
N ARG A 386 17.79 -17.06 -3.76
CA ARG A 386 18.26 -18.43 -3.66
C ARG A 386 18.26 -19.15 -5.02
N ARG A 387 17.27 -18.86 -5.87
CA ARG A 387 17.21 -19.51 -7.18
C ARG A 387 18.00 -18.75 -8.23
N LEU A 388 18.06 -17.43 -8.16
CA LEU A 388 18.73 -16.59 -9.16
C LEU A 388 19.86 -15.80 -8.51
N PRO A 389 20.94 -16.46 -8.10
CA PRO A 389 21.99 -15.76 -7.36
C PRO A 389 22.64 -14.60 -8.11
N GLU A 390 22.73 -14.65 -9.44
CA GLU A 390 23.39 -13.59 -10.20
C GLU A 390 22.40 -12.53 -10.71
N LEU A 391 21.22 -12.46 -10.11
CA LEU A 391 20.17 -11.56 -10.60
C LEU A 391 20.63 -10.10 -10.57
N ARG A 392 20.39 -9.40 -11.67
CA ARG A 392 20.83 -8.03 -11.84
C ARG A 392 19.93 -7.32 -12.84
N CYS A 393 19.80 -6.00 -12.70
CA CYS A 393 18.96 -5.25 -13.61
C CYS A 393 19.61 -5.18 -14.99
N ALA A 394 18.81 -5.41 -16.03
CA ALA A 394 19.34 -5.52 -17.39
C ALA A 394 19.57 -4.17 -18.07
N VAL A 395 19.20 -3.05 -17.44
CA VAL A 395 19.30 -1.74 -18.06
C VAL A 395 19.72 -0.72 -17.01
N PRO A 396 20.30 0.41 -17.43
CA PRO A 396 20.61 1.47 -16.47
C PRO A 396 19.36 1.98 -15.79
N ALA A 397 19.51 2.37 -14.52
CA ALA A 397 18.36 2.84 -13.75
C ALA A 397 17.62 3.97 -14.45
N GLU A 398 18.29 4.68 -15.35
CA GLU A 398 17.71 5.83 -16.03
C GLU A 398 16.79 5.45 -17.18
N SER A 399 16.89 4.21 -17.68
CA SER A 399 16.04 3.76 -18.77
C SER A 399 14.70 3.22 -18.31
N LEU A 400 14.48 3.09 -17.01
CA LEU A 400 13.26 2.45 -16.51
C LEU A 400 12.04 3.35 -16.71
N GLU A 401 10.90 2.72 -16.96
CA GLU A 401 9.61 3.38 -17.13
C GLU A 401 8.78 3.20 -15.87
N TRP A 402 8.43 4.30 -15.22
CA TRP A 402 7.62 4.28 -14.00
C TRP A 402 6.17 4.59 -14.32
N LYS A 403 5.27 4.08 -13.48
CA LYS A 403 3.83 4.31 -13.66
C LYS A 403 3.47 5.62 -12.97
N ASP A 404 2.97 6.58 -13.74
CA ASP A 404 2.67 7.89 -13.21
C ASP A 404 1.18 8.07 -12.98
N GLY A 405 0.83 9.04 -12.15
CA GLY A 405 -0.56 9.39 -11.95
C GLY A 405 -1.31 8.49 -11.00
N MET A 406 -0.61 7.84 -10.07
CA MET A 406 -1.22 6.91 -9.12
C MET A 406 -0.80 7.33 -7.72
N GLN A 407 -1.53 6.84 -6.71
CA GLN A 407 -1.19 7.21 -5.34
C GLN A 407 -0.01 6.42 -4.75
N VAL A 408 0.46 5.39 -5.45
CA VAL A 408 1.70 4.72 -5.05
C VAL A 408 2.62 4.66 -6.27
N ARG A 409 3.89 4.45 -6.00
CA ARG A 409 4.91 4.40 -7.04
C ARG A 409 5.15 2.95 -7.43
N SER A 410 5.32 2.71 -8.74
CA SER A 410 5.64 1.38 -9.21
C SER A 410 6.34 1.47 -10.57
N LEU A 411 7.15 0.45 -10.86
CA LEU A 411 7.75 0.30 -12.19
C LEU A 411 6.78 -0.40 -13.13
N LEU A 412 6.82 -0.01 -14.42
CA LEU A 412 6.00 -0.72 -15.40
C LEU A 412 6.68 -1.99 -15.88
N GLU A 413 8.01 -2.03 -15.82
CA GLU A 413 8.84 -3.15 -16.25
C GLU A 413 10.15 -3.06 -15.48
N LEU A 414 10.68 -4.20 -15.05
CA LEU A 414 12.01 -4.26 -14.43
C LEU A 414 12.75 -5.39 -15.10
N PRO A 415 13.43 -5.11 -16.21
CA PRO A 415 14.10 -6.17 -16.97
C PRO A 415 15.37 -6.62 -16.24
N VAL A 416 15.59 -7.93 -16.21
CA VAL A 416 16.70 -8.46 -15.42
C VAL A 416 17.42 -9.56 -16.19
N LEU A 417 18.67 -9.78 -15.79
CA LEU A 417 19.51 -10.88 -16.23
C LEU A 417 19.89 -11.75 -15.04
N TRP A 418 20.23 -12.99 -15.33
CA TRP A 418 20.71 -13.89 -14.28
C TRP A 418 21.73 -14.91 -14.80
CHA HEM B . -4.18 0.04 5.84
CHB HEM B . 0.18 -0.07 3.65
CHC HEM B . -0.71 -4.60 2.09
CHD HEM B . -5.17 -4.32 3.98
C1A HEM B . -2.91 0.40 5.39
C2A HEM B . -2.23 1.64 5.71
C3A HEM B . -1.02 1.61 5.11
C4A HEM B . -0.90 0.35 4.39
CMA HEM B . 0.07 2.71 5.13
CAA HEM B . -2.81 2.79 6.56
CBA HEM B . -3.40 3.84 5.62
CGA HEM B . -3.85 5.10 6.33
O1A HEM B . -4.12 6.12 5.64
O2A HEM B . -3.95 5.09 7.60
C1B HEM B . 0.31 -1.31 3.06
C2B HEM B . 1.48 -1.79 2.37
C3B HEM B . 1.22 -3.04 1.91
C4B HEM B . -0.11 -3.39 2.34
CMB HEM B . 2.77 -0.96 2.18
CAB HEM B . 2.11 -4.04 1.13
CBB HEM B . 3.44 -3.94 1.00
C1C HEM B . -1.99 -4.94 2.48
C2C HEM B . -2.65 -6.21 2.24
C3C HEM B . -3.88 -6.13 2.76
C4C HEM B . -4.05 -4.80 3.34
CMC HEM B . -1.96 -7.39 1.51
CAC HEM B . -5.04 -7.16 2.81
CBC HEM B . -5.06 -8.27 2.07
C1D HEM B . -5.30 -3.11 4.61
C2D HEM B . -6.49 -2.62 5.28
C3D HEM B . -6.24 -1.42 5.80
C4D HEM B . -4.85 -1.09 5.49
CMD HEM B . -7.83 -3.38 5.33
CAD HEM B . -7.26 -0.54 6.56
CBD HEM B . -7.31 -0.99 8.02
CGD HEM B . -8.26 -0.15 8.85
O1D HEM B . -8.83 0.86 8.33
O2D HEM B . -8.45 -0.49 10.05
NA HEM B . -2.07 -0.35 4.59
NB HEM B . -0.65 -2.31 3.02
NC HEM B . -2.88 -4.12 3.15
ND HEM B . -4.31 -2.15 4.78
FE HEM B . -2.41 -2.34 4.08
N B9R C . -3.32 5.36 0.34
CA B9R C . -2.40 4.24 0.03
C B9R C . -2.94 3.42 -1.15
O B9R C . -2.20 2.68 -1.79
CB B9R C . -2.19 3.35 1.27
CG1 B9R C . -1.03 2.36 1.03
CG2 B9R C . -3.46 2.56 1.60
CAA B9R C . -8.52 0.95 1.54
CAB B9R C . -7.87 -0.01 2.29
CAC B9R C . -6.63 -0.47 1.87
CAD B9R C . -6.08 0.03 0.76
CAE B9R C . -6.70 0.96 0.03
CAF B9R C . -7.90 1.43 0.38
CAH B9R C . -4.81 0.51 -0.93
CAI B9R C . -5.92 1.24 -1.01
CAJ B9R C . -6.23 2.26 -2.11
CAK B9R C . -4.90 2.89 -2.57
CAL B9R C . -5.13 3.85 -3.77
CAU B9R C . -3.10 6.48 -0.58
NAG B9R C . -4.92 -0.25 0.16
NAM B9R C . -4.24 3.60 -1.45
OAV B9R C . -5.86 5.02 -3.39
#